data_2HPZ
#
_entry.id   2HPZ
#
_cell.length_a   68.312
_cell.length_b   68.312
_cell.length_c   108.381
_cell.angle_alpha   90.00
_cell.angle_beta   90.00
_cell.angle_gamma   90.00
#
_symmetry.space_group_name_H-M   'P 43 21 2'
#
loop_
_entity.id
_entity.type
_entity.pdbx_description
1 polymer 'Proteinase K'
2 polymer '11-mer synthetic peptide'
3 non-polymer 'CALCIUM ION'
4 non-polymer 'NITRATE ION'
5 water water
#
loop_
_entity_poly.entity_id
_entity_poly.type
_entity_poly.pdbx_seq_one_letter_code
_entity_poly.pdbx_strand_id
1 'polypeptide(L)'
;AAQTNAPWGLARISSTSPGTSTYYYDESAGQGSCVYVIDTGIEASHPEFEGRAQMVKTYYYSSRDGNGHGTHCAGTVGSR
TYGVAKKTQLFGVKVLDDNGSGQYSTIIAGMDFVASDKNNRNCPKGVVASLSLGGGYSSSVNSAAARLQSSGVMVAVAAG
NNNADARNYSPASEPSVCTVGASDRYDRRSSFSNYGSVLDIFGPGTDILSTWIGGSTRSISGTSMATPHVAGLAAYLMTL
GKTTAASACRYIADTANKGDLSNIPFGTVNLLAYNNYQA
;
A
2 'polypeptide(L)' KLKLLVVIRLK B
#
loop_
_chem_comp.id
_chem_comp.type
_chem_comp.name
_chem_comp.formula
CA non-polymer 'CALCIUM ION' 'Ca 2'
NO3 non-polymer 'NITRATE ION' 'N O3 -1'
#
# COMPACT_ATOMS: atom_id res chain seq x y z
N ALA A 1 -19.46 -1.41 -10.81
CA ALA A 1 -18.83 -0.28 -11.59
C ALA A 1 -17.65 -0.82 -12.37
N ALA A 2 -17.27 -0.12 -13.43
CA ALA A 2 -16.13 -0.53 -14.22
C ALA A 2 -15.39 0.70 -14.69
N GLN A 3 -14.06 0.70 -14.49
CA GLN A 3 -13.24 1.75 -15.05
C GLN A 3 -12.51 1.19 -16.27
N THR A 4 -12.79 1.71 -17.44
CA THR A 4 -12.12 1.24 -18.65
C THR A 4 -10.75 1.89 -18.80
N ASN A 5 -9.83 1.23 -19.51
CA ASN A 5 -8.45 1.73 -19.70
C ASN A 5 -7.76 2.10 -18.39
N ALA A 6 -8.08 1.33 -17.36
CA ALA A 6 -7.45 1.50 -16.05
C ALA A 6 -5.95 1.20 -16.08
N PRO A 7 -5.20 1.77 -15.12
CA PRO A 7 -3.82 1.31 -14.91
C PRO A 7 -3.80 -0.19 -14.70
N TRP A 8 -2.77 -0.85 -15.22
CA TRP A 8 -2.77 -2.31 -15.27
C TRP A 8 -2.97 -2.95 -13.89
N GLY A 9 -2.39 -2.35 -12.85
CA GLY A 9 -2.49 -2.91 -11.49
C GLY A 9 -3.93 -3.01 -10.98
N LEU A 10 -4.73 -1.97 -11.24
CA LEU A 10 -6.14 -1.97 -10.84
C LEU A 10 -6.90 -3.07 -11.60
N ALA A 11 -6.68 -3.13 -12.91
CA ALA A 11 -7.28 -4.21 -13.67
C ALA A 11 -6.88 -5.58 -13.12
N ARG A 12 -5.61 -5.73 -12.75
CA ARG A 12 -5.09 -7.04 -12.31
C ARG A 12 -5.76 -7.52 -11.02
N ILE A 13 -5.99 -6.59 -10.09
N ILE A 13 -6.02 -6.60 -10.09
CA ILE A 13 -6.64 -6.90 -8.81
CA ILE A 13 -6.62 -6.99 -8.81
C ILE A 13 -8.05 -7.43 -9.01
C ILE A 13 -8.13 -7.27 -8.91
N SER A 14 -8.72 -6.99 -10.08
CA SER A 14 -10.11 -7.41 -10.33
C SER A 14 -10.30 -8.50 -11.42
N SER A 15 -9.22 -9.25 -11.71
N SER A 15 -9.23 -9.25 -11.69
CA SER A 15 -9.26 -10.30 -12.72
CA SER A 15 -9.29 -10.31 -12.69
C SER A 15 -8.54 -11.56 -12.21
C SER A 15 -8.52 -11.55 -12.26
N THR A 16 -8.95 -12.71 -12.73
CA THR A 16 -8.25 -13.95 -12.44
C THR A 16 -7.08 -14.19 -13.40
N SER A 17 -6.97 -13.36 -14.43
N SER A 17 -6.96 -13.36 -14.43
CA SER A 17 -5.91 -13.49 -15.45
CA SER A 17 -5.90 -13.50 -15.44
C SER A 17 -5.22 -12.15 -15.76
C SER A 17 -5.23 -12.16 -15.76
N PRO A 18 -3.92 -12.19 -16.13
CA PRO A 18 -3.24 -10.95 -16.52
C PRO A 18 -3.70 -10.49 -17.91
N GLY A 19 -3.37 -9.27 -18.27
CA GLY A 19 -3.61 -8.78 -19.63
C GLY A 19 -4.90 -8.02 -19.86
N THR A 20 -5.72 -7.85 -18.83
CA THR A 20 -6.98 -7.10 -18.98
C THR A 20 -6.78 -5.61 -18.73
N SER A 21 -7.75 -4.79 -19.11
CA SER A 21 -7.58 -3.34 -18.99
C SER A 21 -8.71 -2.65 -18.23
N THR A 22 -9.71 -3.42 -17.80
CA THR A 22 -10.83 -2.86 -17.07
C THR A 22 -10.75 -3.20 -15.58
N TYR A 23 -10.96 -2.19 -14.74
CA TYR A 23 -11.03 -2.39 -13.29
C TYR A 23 -12.50 -2.49 -12.88
N TYR A 24 -12.91 -3.67 -12.43
CA TYR A 24 -14.29 -3.87 -11.98
C TYR A 24 -14.33 -3.80 -10.47
N TYR A 25 -15.27 -3.03 -9.92
CA TYR A 25 -15.34 -2.81 -8.47
C TYR A 25 -16.74 -2.41 -8.03
N ASP A 26 -17.06 -2.70 -6.77
CA ASP A 26 -18.33 -2.29 -6.20
C ASP A 26 -18.34 -0.78 -5.95
N GLU A 27 -19.45 -0.14 -6.32
CA GLU A 27 -19.60 1.32 -6.25
C GLU A 27 -19.39 1.92 -4.86
N SER A 28 -19.54 1.10 -3.81
CA SER A 28 -19.31 1.56 -2.42
C SER A 28 -17.89 2.14 -2.30
N ALA A 29 -16.95 1.52 -3.03
CA ALA A 29 -15.60 2.08 -3.24
C ALA A 29 -14.86 2.51 -1.97
N GLY A 30 -15.03 1.78 -0.88
CA GLY A 30 -14.33 2.14 0.35
C GLY A 30 -14.87 3.33 1.13
N GLN A 31 -16.07 3.79 0.78
CA GLN A 31 -16.69 4.92 1.49
C GLN A 31 -16.93 4.54 2.96
N GLY A 32 -16.56 5.43 3.88
CA GLY A 32 -16.77 5.14 5.32
C GLY A 32 -15.54 4.54 6.00
N SER A 33 -14.54 4.18 5.20
CA SER A 33 -13.24 3.71 5.72
C SER A 33 -12.21 4.84 5.69
N CYS A 34 -11.10 4.63 6.39
CA CYS A 34 -10.05 5.63 6.44
C CYS A 34 -8.71 4.94 6.27
N VAL A 35 -7.84 5.55 5.49
CA VAL A 35 -6.49 4.98 5.31
C VAL A 35 -5.47 6.05 5.64
N TYR A 36 -4.60 5.74 6.60
CA TYR A 36 -3.46 6.60 6.94
C TYR A 36 -2.31 6.21 6.05
N VAL A 37 -1.72 7.18 5.36
CA VAL A 37 -0.54 6.94 4.51
C VAL A 37 0.63 7.56 5.24
N ILE A 38 1.53 6.72 5.73
CA ILE A 38 2.59 7.15 6.61
C ILE A 38 3.84 7.19 5.74
N ASP A 39 4.28 8.40 5.35
CA ASP A 39 5.19 8.51 4.20
C ASP A 39 5.79 9.94 4.15
N THR A 40 6.09 10.46 2.95
CA THR A 40 6.66 11.83 2.79
C THR A 40 5.59 12.93 2.81
N GLY A 41 4.33 12.53 3.03
CA GLY A 41 3.22 13.47 3.00
C GLY A 41 2.32 13.21 1.80
N ILE A 42 1.28 14.03 1.65
CA ILE A 42 0.34 13.91 0.52
C ILE A 42 0.05 15.32 0.05
N GLU A 43 0.15 15.54 -1.25
CA GLU A 43 -0.34 16.79 -1.84
C GLU A 43 -1.88 16.76 -1.87
N ALA A 44 -2.48 17.19 -0.74
CA ALA A 44 -3.92 17.06 -0.53
C ALA A 44 -4.74 17.84 -1.56
N SER A 45 -4.12 18.86 -2.14
CA SER A 45 -4.80 19.72 -3.08
C SER A 45 -4.90 19.13 -4.50
N HIS A 46 -4.23 17.99 -4.74
CA HIS A 46 -4.30 17.38 -6.06
C HIS A 46 -5.76 17.09 -6.42
N PRO A 47 -6.23 17.55 -7.61
CA PRO A 47 -7.65 17.33 -8.00
C PRO A 47 -8.10 15.86 -7.91
N GLU A 48 -7.16 14.94 -8.08
CA GLU A 48 -7.45 13.50 -8.05
C GLU A 48 -7.95 12.98 -6.70
N PHE A 49 -7.70 13.74 -5.64
CA PHE A 49 -8.19 13.32 -4.29
C PHE A 49 -9.56 13.88 -3.97
N GLU A 50 -10.02 14.85 -4.78
CA GLU A 50 -11.42 15.35 -4.68
C GLU A 50 -11.77 15.86 -3.28
N GLY A 51 -10.78 16.42 -2.57
CA GLY A 51 -11.00 16.89 -1.20
C GLY A 51 -11.07 15.81 -0.14
N ARG A 52 -10.78 14.56 -0.51
CA ARG A 52 -10.85 13.42 0.43
C ARG A 52 -9.54 13.14 1.17
N ALA A 53 -8.53 13.97 0.92
CA ALA A 53 -7.21 13.81 1.56
C ALA A 53 -6.92 14.97 2.49
N GLN A 54 -6.29 14.68 3.63
CA GLN A 54 -5.88 15.74 4.57
C GLN A 54 -4.59 15.31 5.21
N MET A 55 -3.68 16.26 5.42
CA MET A 55 -2.51 16.04 6.27
C MET A 55 -2.93 16.23 7.72
N VAL A 56 -2.57 15.26 8.56
CA VAL A 56 -2.92 15.33 9.98
C VAL A 56 -1.73 15.47 10.92
N LYS A 57 -0.52 15.15 10.44
CA LYS A 57 0.65 15.23 11.31
C LYS A 57 1.90 15.33 10.45
N THR A 58 2.86 16.16 10.89
CA THR A 58 4.18 16.16 10.28
C THR A 58 5.24 16.16 11.38
N TYR A 59 6.39 15.55 11.08
CA TYR A 59 7.52 15.51 11.99
C TYR A 59 8.64 16.41 11.50
N TYR A 60 8.33 17.23 10.50
CA TYR A 60 9.32 18.15 9.96
C TYR A 60 8.77 19.57 9.92
N TYR A 61 9.47 20.46 9.25
CA TYR A 61 9.14 21.90 9.27
C TYR A 61 7.81 22.19 8.60
N SER A 62 7.47 21.39 7.60
N SER A 62 7.48 21.42 7.57
CA SER A 62 6.24 21.56 6.84
CA SER A 62 6.20 21.58 6.89
C SER A 62 5.49 20.24 6.69
C SER A 62 5.48 20.25 6.73
N SER A 63 4.21 20.33 6.37
CA SER A 63 3.41 19.14 6.12
C SER A 63 3.35 18.82 4.62
N ARG A 64 4.01 19.64 3.81
N ARG A 64 4.01 19.65 3.82
CA ARG A 64 4.03 19.49 2.35
CA ARG A 64 4.05 19.49 2.36
C ARG A 64 4.85 18.28 1.90
C ARG A 64 4.83 18.24 1.94
N ASP A 65 4.33 17.55 0.91
CA ASP A 65 5.09 16.47 0.29
C ASP A 65 6.03 17.14 -0.73
N GLY A 66 7.31 17.29 -0.39
CA GLY A 66 8.27 17.85 -1.34
C GLY A 66 8.99 16.79 -2.17
N ASN A 67 8.56 15.54 -2.02
CA ASN A 67 9.24 14.42 -2.66
C ASN A 67 8.41 13.80 -3.78
N GLY A 68 7.19 13.41 -3.45
CA GLY A 68 6.25 12.82 -4.41
C GLY A 68 5.85 11.40 -4.04
N HIS A 69 6.73 10.68 -3.34
CA HIS A 69 6.53 9.26 -3.00
C HIS A 69 5.20 9.06 -2.24
N GLY A 70 4.96 9.88 -1.23
CA GLY A 70 3.74 9.74 -0.42
C GLY A 70 2.49 10.04 -1.24
N THR A 71 2.57 11.05 -2.10
CA THR A 71 1.45 11.38 -3.00
C THR A 71 1.14 10.22 -3.96
N HIS A 72 2.19 9.57 -4.45
CA HIS A 72 2.03 8.45 -5.37
C HIS A 72 1.30 7.30 -4.67
N CYS A 73 1.80 6.93 -3.49
CA CYS A 73 1.22 5.84 -2.70
C CYS A 73 -0.23 6.17 -2.34
N ALA A 74 -0.46 7.40 -1.86
CA ALA A 74 -1.86 7.82 -1.56
C ALA A 74 -2.78 7.70 -2.78
N GLY A 75 -2.26 8.07 -3.96
CA GLY A 75 -3.03 7.95 -5.22
C GLY A 75 -3.45 6.52 -5.51
N THR A 76 -2.57 5.57 -5.24
CA THR A 76 -2.91 4.17 -5.50
C THR A 76 -3.96 3.66 -4.50
N VAL A 77 -3.90 4.16 -3.27
CA VAL A 77 -4.95 3.81 -2.29
C VAL A 77 -6.30 4.35 -2.75
N GLY A 78 -6.38 5.64 -3.06
CA GLY A 78 -7.69 6.30 -3.12
C GLY A 78 -7.93 7.47 -4.06
N SER A 79 -7.05 7.68 -5.04
CA SER A 79 -7.36 8.75 -6.03
C SER A 79 -8.51 8.26 -6.93
N ARG A 80 -9.21 9.21 -7.55
CA ARG A 80 -10.28 8.89 -8.48
C ARG A 80 -9.83 7.97 -9.62
N THR A 81 -8.79 8.37 -10.34
CA THR A 81 -8.38 7.63 -11.51
C THR A 81 -7.44 6.45 -11.20
N TYR A 82 -6.55 6.63 -10.22
CA TYR A 82 -5.47 5.68 -9.99
C TYR A 82 -5.66 4.81 -8.76
N GLY A 83 -6.78 4.98 -8.06
CA GLY A 83 -6.98 4.35 -6.75
C GLY A 83 -7.83 3.10 -6.74
N VAL A 84 -7.54 2.25 -5.75
CA VAL A 84 -8.30 1.03 -5.51
C VAL A 84 -9.65 1.37 -4.87
N ALA A 85 -9.61 2.18 -3.82
CA ALA A 85 -10.80 2.48 -3.03
C ALA A 85 -11.10 3.93 -3.26
N LYS A 86 -11.92 4.20 -4.28
CA LYS A 86 -12.06 5.54 -4.84
C LYS A 86 -12.84 6.53 -3.97
N LYS A 87 -13.44 6.06 -2.88
CA LYS A 87 -14.21 6.96 -2.01
C LYS A 87 -13.65 7.04 -0.59
N THR A 88 -12.60 6.27 -0.30
CA THR A 88 -12.03 6.32 1.05
C THR A 88 -11.46 7.68 1.45
N GLN A 89 -11.38 7.92 2.77
CA GLN A 89 -10.78 9.10 3.32
C GLN A 89 -9.30 8.84 3.56
N LEU A 90 -8.45 9.75 3.09
CA LEU A 90 -6.99 9.62 3.25
C LEU A 90 -6.45 10.60 4.28
N PHE A 91 -5.59 10.11 5.17
CA PHE A 91 -4.90 10.96 6.13
C PHE A 91 -3.41 10.79 5.96
N GLY A 92 -2.70 11.91 5.85
CA GLY A 92 -1.26 11.87 5.63
C GLY A 92 -0.51 12.07 6.94
N VAL A 93 0.51 11.25 7.14
CA VAL A 93 1.42 11.45 8.27
C VAL A 93 2.82 11.50 7.70
N LYS A 94 3.48 12.65 7.84
CA LYS A 94 4.81 12.82 7.24
C LYS A 94 5.85 12.36 8.27
N VAL A 95 6.40 11.17 8.04
CA VAL A 95 7.48 10.68 8.90
C VAL A 95 8.79 10.64 8.10
N LEU A 96 8.67 10.81 6.78
CA LEU A 96 9.87 10.84 5.90
C LEU A 96 10.13 12.24 5.40
N ASP A 97 11.40 12.62 5.30
CA ASP A 97 11.72 13.95 4.79
C ASP A 97 11.68 13.98 3.25
N ASP A 98 11.83 15.18 2.70
CA ASP A 98 11.67 15.36 1.26
C ASP A 98 12.69 14.64 0.39
N ASN A 99 13.72 14.06 1.02
CA ASN A 99 14.64 13.18 0.33
C ASN A 99 14.21 11.73 0.44
N GLY A 100 13.11 11.50 1.14
CA GLY A 100 12.53 10.17 1.30
C GLY A 100 13.13 9.38 2.44
N SER A 101 13.86 10.05 3.33
N SER A 101 13.89 10.06 3.31
CA SER A 101 14.54 9.41 4.45
CA SER A 101 14.54 9.40 4.45
C SER A 101 13.93 9.77 5.79
C SER A 101 13.95 9.78 5.80
N GLY A 102 14.16 8.93 6.80
CA GLY A 102 13.63 9.19 8.13
C GLY A 102 14.28 8.29 9.16
N GLN A 103 14.43 8.80 10.38
CA GLN A 103 15.00 8.03 11.47
C GLN A 103 13.96 7.09 12.03
N TYR A 104 14.42 5.96 12.54
CA TYR A 104 13.53 4.99 13.13
C TYR A 104 12.67 5.56 14.27
N SER A 105 13.23 6.43 15.09
CA SER A 105 12.46 7.01 16.20
C SER A 105 11.26 7.81 15.70
N THR A 106 11.41 8.49 14.56
CA THR A 106 10.33 9.29 13.98
C THR A 106 9.25 8.38 13.37
N ILE A 107 9.69 7.32 12.71
CA ILE A 107 8.75 6.35 12.12
C ILE A 107 7.88 5.68 13.20
N ILE A 108 8.53 5.28 14.30
CA ILE A 108 7.83 4.72 15.45
C ILE A 108 6.83 5.71 16.01
N ALA A 109 7.26 6.97 16.18
CA ALA A 109 6.34 7.99 16.72
C ALA A 109 5.09 8.13 15.84
N GLY A 110 5.29 8.08 14.52
CA GLY A 110 4.19 8.21 13.56
C GLY A 110 3.21 7.04 13.68
N MET A 111 3.72 5.83 13.91
CA MET A 111 2.85 4.68 14.11
C MET A 111 2.02 4.83 15.41
N ASP A 112 2.70 5.14 16.50
CA ASP A 112 1.99 5.38 17.76
C ASP A 112 0.97 6.51 17.61
N PHE A 113 1.31 7.53 16.83
CA PHE A 113 0.38 8.63 16.59
C PHE A 113 -0.92 8.13 15.96
N VAL A 114 -0.81 7.31 14.92
CA VAL A 114 -1.99 6.82 14.21
C VAL A 114 -2.85 5.96 15.15
N ALA A 115 -2.23 5.15 16.01
CA ALA A 115 -3.00 4.30 16.93
C ALA A 115 -3.92 5.14 17.83
N SER A 116 -3.45 6.32 18.22
CA SER A 116 -4.22 7.25 19.03
C SER A 116 -5.19 8.09 18.20
N ASP A 117 -4.68 8.66 17.10
CA ASP A 117 -5.45 9.63 16.31
C ASP A 117 -6.74 9.05 15.75
N LYS A 118 -6.73 7.76 15.42
CA LYS A 118 -7.89 7.12 14.82
C LYS A 118 -9.12 7.20 15.76
N ASN A 119 -8.86 7.30 17.07
CA ASN A 119 -9.93 7.42 18.05
C ASN A 119 -10.64 8.79 17.95
N ASN A 120 -10.02 9.76 17.26
CA ASN A 120 -10.59 11.09 17.04
C ASN A 120 -11.32 11.26 15.70
N ARG A 121 -11.39 10.20 14.89
CA ARG A 121 -11.88 10.31 13.51
C ARG A 121 -13.13 9.48 13.33
N ASN A 122 -13.96 9.91 12.40
CA ASN A 122 -15.17 9.18 12.07
C ASN A 122 -14.91 8.24 10.88
N CYS A 123 -14.62 6.98 11.20
CA CYS A 123 -14.24 5.94 10.23
C CYS A 123 -15.09 4.70 10.51
N PRO A 124 -16.41 4.80 10.28
CA PRO A 124 -17.30 3.72 10.73
C PRO A 124 -17.02 2.33 10.15
N LYS A 125 -16.38 2.26 8.98
CA LYS A 125 -16.09 0.98 8.34
C LYS A 125 -14.70 0.46 8.65
N GLY A 126 -13.89 1.26 9.35
CA GLY A 126 -12.59 0.77 9.81
C GLY A 126 -11.40 1.58 9.32
N VAL A 127 -10.23 1.22 9.83
CA VAL A 127 -9.01 1.99 9.63
C VAL A 127 -7.88 1.11 9.13
N VAL A 128 -7.16 1.65 8.14
CA VAL A 128 -6.03 0.97 7.50
C VAL A 128 -4.81 1.92 7.59
N ALA A 129 -3.63 1.35 7.71
CA ALA A 129 -2.41 2.15 7.61
C ALA A 129 -1.51 1.51 6.56
N SER A 130 -0.97 2.34 5.68
CA SER A 130 -0.13 1.87 4.59
C SER A 130 1.27 2.39 4.82
N LEU A 131 2.24 1.47 4.95
CA LEU A 131 3.63 1.86 5.26
C LEU A 131 4.48 1.39 4.10
N SER A 132 4.86 2.32 3.21
CA SER A 132 5.69 1.99 2.06
C SER A 132 7.10 2.47 2.40
N LEU A 133 7.68 1.85 3.42
CA LEU A 133 8.99 2.25 3.90
C LEU A 133 9.61 1.07 4.62
N GLY A 134 10.88 1.20 4.94
CA GLY A 134 11.53 0.19 5.74
C GLY A 134 13.01 0.35 5.70
N GLY A 135 13.69 -0.48 6.47
CA GLY A 135 15.14 -0.51 6.44
C GLY A 135 15.58 -1.77 7.15
N GLY A 136 16.79 -1.74 7.71
CA GLY A 136 17.37 -2.94 8.32
C GLY A 136 16.58 -3.36 9.55
N TYR A 137 16.76 -4.60 9.96
CA TYR A 137 15.98 -5.16 11.07
C TYR A 137 16.10 -4.30 12.35
N SER A 138 14.95 -4.06 12.98
CA SER A 138 14.89 -3.36 14.29
C SER A 138 13.71 -3.94 15.07
N SER A 139 13.97 -4.48 16.25
CA SER A 139 12.89 -5.05 17.05
C SER A 139 11.94 -3.94 17.50
N SER A 140 12.46 -2.73 17.69
CA SER A 140 11.64 -1.57 18.11
C SER A 140 10.65 -1.15 17.03
N VAL A 141 11.11 -1.17 15.78
CA VAL A 141 10.24 -0.80 14.67
C VAL A 141 9.17 -1.89 14.51
N ASN A 142 9.58 -3.14 14.60
CA ASN A 142 8.63 -4.24 14.48
C ASN A 142 7.58 -4.13 15.57
N SER A 143 8.02 -3.81 16.78
N SER A 143 8.03 -3.82 16.79
CA SER A 143 7.11 -3.69 17.93
CA SER A 143 7.11 -3.69 17.93
C SER A 143 6.07 -2.59 17.72
C SER A 143 6.06 -2.60 17.70
N ALA A 144 6.49 -1.48 17.11
CA ALA A 144 5.60 -0.35 16.84
C ALA A 144 4.54 -0.78 15.85
N ALA A 145 4.95 -1.54 14.83
CA ALA A 145 3.98 -2.03 13.82
C ALA A 145 2.98 -2.98 14.45
N ALA A 146 3.46 -3.87 15.32
CA ALA A 146 2.62 -4.82 16.05
C ALA A 146 1.60 -4.10 16.93
N ARG A 147 2.04 -3.05 17.65
CA ARG A 147 1.12 -2.23 18.44
C ARG A 147 0.03 -1.62 17.57
N LEU A 148 0.43 -1.08 16.41
CA LEU A 148 -0.52 -0.38 15.56
C LEU A 148 -1.59 -1.39 15.11
N GLN A 149 -1.15 -2.56 14.70
CA GLN A 149 -2.07 -3.63 14.31
C GLN A 149 -3.00 -4.02 15.50
N SER A 150 -2.38 -4.25 16.66
CA SER A 150 -3.11 -4.61 17.89
C SER A 150 -4.21 -3.59 18.26
N SER A 151 -3.95 -2.32 17.99
CA SER A 151 -4.88 -1.23 18.33
C SER A 151 -6.16 -1.22 17.48
N GLY A 152 -6.20 -2.05 16.44
CA GLY A 152 -7.38 -2.21 15.59
C GLY A 152 -7.25 -1.55 14.23
N VAL A 153 -6.02 -1.43 13.74
CA VAL A 153 -5.75 -0.85 12.41
C VAL A 153 -5.17 -1.94 11.52
N MET A 154 -5.65 -2.03 10.29
CA MET A 154 -5.11 -2.99 9.36
C MET A 154 -3.79 -2.40 8.84
N VAL A 155 -2.67 -3.00 9.25
CA VAL A 155 -1.35 -2.50 8.85
C VAL A 155 -0.79 -3.25 7.63
N ALA A 156 -0.51 -2.51 6.56
CA ALA A 156 0.11 -3.11 5.37
C ALA A 156 1.49 -2.50 5.19
N VAL A 157 2.53 -3.34 5.00
CA VAL A 157 3.90 -2.80 4.91
C VAL A 157 4.61 -3.37 3.71
N ALA A 158 5.52 -2.59 3.12
CA ALA A 158 6.28 -3.06 1.96
C ALA A 158 7.29 -4.13 2.34
N ALA A 159 7.45 -5.15 1.51
CA ALA A 159 8.47 -6.19 1.79
C ALA A 159 9.91 -5.67 1.63
N GLY A 160 10.11 -4.66 0.79
CA GLY A 160 11.45 -4.12 0.54
C GLY A 160 11.94 -4.48 -0.86
N ASN A 161 12.90 -3.72 -1.37
CA ASN A 161 13.33 -3.83 -2.75
C ASN A 161 14.76 -4.34 -2.92
N ASN A 162 15.15 -5.29 -2.08
CA ASN A 162 16.57 -5.77 -2.07
C ASN A 162 16.77 -7.16 -2.75
N ASN A 163 15.71 -7.68 -3.35
CA ASN A 163 15.73 -9.05 -3.89
C ASN A 163 16.22 -10.11 -2.90
N ALA A 164 15.96 -9.85 -1.62
CA ALA A 164 16.45 -10.70 -0.54
C ALA A 164 15.33 -11.18 0.37
N ASP A 165 15.69 -12.00 1.36
CA ASP A 165 14.71 -12.47 2.33
C ASP A 165 14.30 -11.30 3.23
N ALA A 166 13.00 -11.07 3.32
CA ALA A 166 12.48 -9.93 4.06
C ALA A 166 12.65 -10.06 5.56
N ARG A 167 13.10 -11.24 6.03
CA ARG A 167 13.34 -11.45 7.47
C ARG A 167 14.35 -10.46 8.03
N ASN A 168 15.17 -9.87 7.18
CA ASN A 168 16.23 -8.98 7.64
C ASN A 168 15.86 -7.52 7.55
N TYR A 169 14.57 -7.25 7.36
CA TYR A 169 14.11 -5.88 7.15
C TYR A 169 12.93 -5.56 8.05
N SER A 170 12.77 -4.30 8.39
CA SER A 170 11.66 -3.88 9.26
C SER A 170 10.97 -2.64 8.69
N PRO A 171 9.65 -2.52 8.89
CA PRO A 171 8.79 -3.46 9.62
C PRO A 171 8.33 -4.71 8.84
N ALA A 172 8.90 -4.94 7.65
CA ALA A 172 8.54 -6.12 6.82
C ALA A 172 8.51 -7.41 7.62
N SER A 173 9.46 -7.56 8.55
CA SER A 173 9.68 -8.85 9.22
C SER A 173 8.76 -9.09 10.43
N GLU A 174 7.93 -8.11 10.77
CA GLU A 174 6.95 -8.29 11.86
C GLU A 174 5.83 -9.23 11.42
N PRO A 175 5.72 -10.42 12.03
CA PRO A 175 4.75 -11.36 11.47
C PRO A 175 3.30 -10.87 11.53
N SER A 176 2.97 -10.07 12.54
CA SER A 176 1.54 -9.78 12.78
C SER A 176 0.89 -8.78 11.79
N VAL A 177 1.70 -8.12 10.97
CA VAL A 177 1.17 -7.13 9.99
C VAL A 177 1.13 -7.80 8.61
N CYS A 178 0.60 -7.11 7.59
CA CYS A 178 0.49 -7.71 6.25
C CYS A 178 1.66 -7.24 5.40
N THR A 179 2.57 -8.15 5.09
CA THR A 179 3.80 -7.80 4.37
C THR A 179 3.60 -8.10 2.88
N VAL A 180 3.85 -7.10 2.04
CA VAL A 180 3.42 -7.10 0.63
C VAL A 180 4.60 -7.11 -0.34
N GLY A 181 4.69 -8.16 -1.16
CA GLY A 181 5.71 -8.21 -2.24
C GLY A 181 5.14 -7.61 -3.53
N ALA A 182 5.98 -7.49 -4.56
CA ALA A 182 5.54 -6.83 -5.81
C ALA A 182 5.59 -7.77 -6.99
N SER A 183 4.63 -7.61 -7.89
CA SER A 183 4.65 -8.34 -9.16
C SER A 183 4.60 -7.39 -10.35
N ASP A 184 4.87 -7.91 -11.54
CA ASP A 184 4.77 -7.08 -12.77
C ASP A 184 3.57 -7.51 -13.63
N ARG A 185 3.39 -6.82 -14.76
N ARG A 185 3.35 -6.81 -14.75
CA ARG A 185 2.17 -7.02 -15.54
CA ARG A 185 2.13 -7.05 -15.54
C ARG A 185 2.09 -8.37 -16.27
C ARG A 185 2.04 -8.45 -16.15
N TYR A 186 3.18 -9.12 -16.24
CA TYR A 186 3.22 -10.46 -16.83
C TYR A 186 3.15 -11.56 -15.77
N ASP A 187 2.73 -11.16 -14.56
CA ASP A 187 2.63 -12.07 -13.40
C ASP A 187 3.96 -12.69 -12.99
N ARG A 188 5.06 -11.95 -13.14
CA ARG A 188 6.32 -12.36 -12.54
C ARG A 188 6.54 -11.62 -11.22
N ARG A 189 7.21 -12.25 -10.26
CA ARG A 189 7.71 -11.48 -9.13
C ARG A 189 8.57 -10.34 -9.69
N SER A 190 8.33 -9.13 -9.22
CA SER A 190 9.16 -7.99 -9.65
C SER A 190 10.63 -8.28 -9.34
N SER A 191 11.52 -7.88 -10.24
CA SER A 191 12.91 -8.30 -10.11
C SER A 191 13.58 -7.83 -8.82
N PHE A 192 13.09 -6.73 -8.26
CA PHE A 192 13.62 -6.16 -7.02
C PHE A 192 12.90 -6.64 -5.75
N SER A 193 11.78 -7.33 -5.89
CA SER A 193 10.93 -7.62 -4.72
C SER A 193 11.63 -8.55 -3.74
N ASN A 194 11.64 -8.18 -2.46
CA ASN A 194 12.03 -9.13 -1.43
C ASN A 194 11.04 -10.30 -1.42
N TYR A 195 11.44 -11.39 -0.78
CA TYR A 195 10.64 -12.61 -0.70
C TYR A 195 10.83 -13.25 0.67
N GLY A 196 10.37 -14.50 0.82
CA GLY A 196 10.59 -15.19 2.08
C GLY A 196 9.30 -15.55 2.77
N SER A 197 9.41 -16.35 3.82
CA SER A 197 8.22 -16.90 4.46
C SER A 197 7.36 -15.84 5.18
N VAL A 198 7.94 -14.69 5.48
CA VAL A 198 7.16 -13.64 6.14
C VAL A 198 6.23 -12.88 5.21
N LEU A 199 6.41 -13.00 3.89
CA LEU A 199 5.46 -12.34 2.99
C LEU A 199 4.09 -12.94 3.13
N ASP A 200 3.07 -12.07 3.13
CA ASP A 200 1.68 -12.52 3.21
C ASP A 200 1.01 -12.57 1.85
N ILE A 201 1.41 -11.67 0.95
CA ILE A 201 0.61 -11.44 -0.27
C ILE A 201 1.47 -10.64 -1.26
N PHE A 202 1.16 -10.79 -2.55
CA PHE A 202 1.76 -9.95 -3.58
C PHE A 202 0.72 -9.01 -4.17
N GLY A 203 1.15 -7.83 -4.58
CA GLY A 203 0.32 -6.90 -5.35
C GLY A 203 1.15 -6.29 -6.47
N PRO A 204 0.49 -5.62 -7.44
CA PRO A 204 1.19 -5.00 -8.56
C PRO A 204 2.18 -3.93 -8.09
N GLY A 205 3.43 -4.03 -8.57
CA GLY A 205 4.46 -3.10 -8.11
C GLY A 205 5.42 -2.57 -9.16
N THR A 206 5.37 -3.12 -10.36
CA THR A 206 6.23 -2.63 -11.46
C THR A 206 5.48 -1.73 -12.43
N ASP A 207 5.98 -0.51 -12.64
N ASP A 207 5.99 -0.52 -12.65
CA ASP A 207 5.39 0.44 -13.61
CA ASP A 207 5.40 0.42 -13.62
C ASP A 207 3.96 0.81 -13.25
C ASP A 207 3.97 0.77 -13.24
N ILE A 208 3.83 1.38 -12.06
CA ILE A 208 2.52 1.78 -11.52
C ILE A 208 2.29 3.26 -11.72
N LEU A 209 1.24 3.60 -12.47
CA LEU A 209 0.91 4.99 -12.73
C LEU A 209 0.05 5.52 -11.58
N SER A 210 0.43 6.66 -11.04
CA SER A 210 -0.35 7.28 -9.98
C SER A 210 -0.04 8.77 -9.89
N THR A 211 -0.73 9.44 -8.97
CA THR A 211 -0.52 10.85 -8.70
C THR A 211 0.89 11.26 -8.22
N TRP A 212 1.32 12.43 -8.66
CA TRP A 212 2.59 13.02 -8.22
C TRP A 212 2.39 14.48 -7.84
N ILE A 213 3.42 15.06 -7.23
CA ILE A 213 3.36 16.43 -6.78
C ILE A 213 3.31 17.41 -7.96
N GLY A 214 2.86 18.63 -7.67
CA GLY A 214 2.66 19.61 -8.73
C GLY A 214 1.46 19.28 -9.58
N GLY A 215 0.51 18.53 -9.02
CA GLY A 215 -0.71 18.17 -9.72
C GLY A 215 -0.47 17.29 -10.95
N SER A 216 0.57 16.46 -10.90
CA SER A 216 0.95 15.65 -12.04
C SER A 216 0.71 14.14 -11.80
N THR A 217 1.27 13.33 -12.69
CA THR A 217 1.20 11.87 -12.56
C THR A 217 2.54 11.34 -12.99
N ARG A 218 2.89 10.16 -12.50
CA ARG A 218 4.02 9.44 -13.09
C ARG A 218 3.99 7.98 -12.71
N SER A 219 4.78 7.20 -13.42
N SER A 219 4.79 7.21 -13.43
CA SER A 219 4.86 5.75 -13.23
CA SER A 219 4.90 5.77 -13.25
C SER A 219 6.19 5.37 -12.59
C SER A 219 6.20 5.49 -12.51
N ILE A 220 6.11 4.72 -11.44
CA ILE A 220 7.33 4.28 -10.75
C ILE A 220 7.12 2.84 -10.28
N SER A 221 8.21 2.24 -9.81
CA SER A 221 8.21 0.82 -9.43
C SER A 221 8.72 0.61 -8.00
N GLY A 222 8.17 -0.39 -7.33
CA GLY A 222 8.66 -0.75 -5.99
C GLY A 222 7.65 -1.55 -5.23
N THR A 223 8.11 -2.21 -4.17
CA THR A 223 7.16 -2.79 -3.21
C THR A 223 6.39 -1.65 -2.52
N SER A 224 6.93 -0.42 -2.53
CA SER A 224 6.18 0.77 -2.11
C SER A 224 4.89 0.97 -2.89
N MET A 225 4.88 0.55 -4.15
CA MET A 225 3.70 0.70 -5.02
C MET A 225 2.71 -0.47 -4.81
N ALA A 226 3.21 -1.65 -4.45
CA ALA A 226 2.33 -2.81 -4.24
C ALA A 226 1.55 -2.67 -2.93
N THR A 227 2.21 -2.11 -1.91
CA THR A 227 1.61 -1.97 -0.59
C THR A 227 0.26 -1.22 -0.59
N PRO A 228 0.18 -0.03 -1.22
CA PRO A 228 -1.13 0.68 -1.25
C PRO A 228 -2.23 -0.03 -2.04
N HIS A 229 -1.89 -0.90 -3.00
CA HIS A 229 -2.93 -1.73 -3.63
C HIS A 229 -3.60 -2.60 -2.58
N VAL A 230 -2.79 -3.24 -1.72
CA VAL A 230 -3.31 -4.10 -0.64
C VAL A 230 -4.05 -3.26 0.42
N ALA A 231 -3.47 -2.11 0.80
CA ALA A 231 -4.12 -1.22 1.76
C ALA A 231 -5.48 -0.74 1.26
N GLY A 232 -5.51 -0.35 -0.01
CA GLY A 232 -6.78 0.08 -0.63
C GLY A 232 -7.77 -1.09 -0.72
N LEU A 233 -7.27 -2.27 -1.08
CA LEU A 233 -8.16 -3.45 -1.15
C LEU A 233 -8.77 -3.76 0.21
N ALA A 234 -7.95 -3.71 1.25
CA ALA A 234 -8.46 -3.89 2.60
C ALA A 234 -9.59 -2.90 2.96
N ALA A 235 -9.39 -1.61 2.70
CA ALA A 235 -10.43 -0.58 2.96
C ALA A 235 -11.70 -0.91 2.17
N TYR A 236 -11.51 -1.29 0.91
CA TYR A 236 -12.62 -1.69 0.06
C TYR A 236 -13.42 -2.87 0.65
N LEU A 237 -12.71 -3.91 1.09
CA LEU A 237 -13.37 -5.09 1.66
C LEU A 237 -14.04 -4.82 3.01
N MET A 238 -13.43 -3.96 3.82
CA MET A 238 -14.00 -3.58 5.12
C MET A 238 -15.32 -2.83 4.94
N THR A 239 -15.36 -1.94 3.95
CA THR A 239 -16.57 -1.20 3.65
C THR A 239 -17.69 -2.15 3.22
N LEU A 240 -17.34 -3.20 2.47
CA LEU A 240 -18.34 -4.20 2.04
C LEU A 240 -18.74 -5.14 3.18
N GLY A 241 -18.04 -5.04 4.31
CA GLY A 241 -18.32 -5.89 5.47
C GLY A 241 -17.84 -7.33 5.36
N LYS A 242 -16.93 -7.58 4.43
CA LYS A 242 -16.44 -8.94 4.20
C LYS A 242 -15.43 -9.37 5.26
N THR A 243 -14.77 -8.39 5.87
CA THR A 243 -13.69 -8.65 6.83
C THR A 243 -13.51 -7.48 7.80
N THR A 244 -12.63 -7.64 8.77
CA THR A 244 -12.35 -6.60 9.77
C THR A 244 -10.87 -6.31 9.74
N ALA A 245 -10.46 -5.27 10.45
CA ALA A 245 -9.02 -4.90 10.52
C ALA A 245 -8.15 -6.05 11.00
N ALA A 246 -8.66 -6.79 11.98
CA ALA A 246 -7.87 -7.86 12.59
C ALA A 246 -7.63 -9.02 11.61
N SER A 247 -8.57 -9.27 10.70
CA SER A 247 -8.47 -10.46 9.87
C SER A 247 -8.32 -10.20 8.36
N ALA A 248 -8.20 -8.92 7.98
CA ALA A 248 -8.20 -8.57 6.56
C ALA A 248 -7.04 -9.20 5.80
N CYS A 249 -5.86 -9.23 6.40
CA CYS A 249 -4.69 -9.77 5.69
C CYS A 249 -4.94 -11.25 5.36
N ARG A 250 -5.43 -11.98 6.35
CA ARG A 250 -5.74 -13.41 6.19
C ARG A 250 -6.87 -13.60 5.16
N TYR A 251 -7.89 -12.75 5.21
CA TYR A 251 -8.98 -12.82 4.24
C TYR A 251 -8.47 -12.57 2.81
N ILE A 252 -7.60 -11.58 2.66
CA ILE A 252 -7.04 -11.29 1.35
C ILE A 252 -6.22 -12.49 0.83
N ALA A 253 -5.42 -13.10 1.71
CA ALA A 253 -4.63 -14.28 1.36
C ALA A 253 -5.54 -15.44 0.96
N ASP A 254 -6.63 -15.62 1.74
CA ASP A 254 -7.58 -16.73 1.52
C ASP A 254 -8.29 -16.63 0.17
N THR A 255 -8.53 -15.40 -0.28
CA THR A 255 -9.36 -15.16 -1.45
C THR A 255 -8.51 -14.71 -2.64
N ALA A 256 -7.19 -14.80 -2.49
CA ALA A 256 -6.23 -14.40 -3.51
C ALA A 256 -6.27 -15.28 -4.75
N ASN A 257 -5.77 -14.77 -5.88
CA ASN A 257 -5.40 -15.67 -6.97
C ASN A 257 -4.19 -16.48 -6.55
N LYS A 258 -4.31 -17.81 -6.63
CA LYS A 258 -3.27 -18.73 -6.14
C LYS A 258 -2.51 -19.39 -7.29
N GLY A 259 -1.18 -19.36 -7.22
CA GLY A 259 -0.33 -20.08 -8.15
C GLY A 259 -0.08 -19.40 -9.49
N ASP A 260 -0.54 -18.16 -9.64
CA ASP A 260 -0.44 -17.41 -10.91
C ASP A 260 0.93 -16.82 -11.19
N LEU A 261 1.71 -16.59 -10.14
CA LEU A 261 2.99 -15.88 -10.27
C LEU A 261 4.17 -16.79 -10.62
N SER A 262 5.05 -16.26 -11.46
N SER A 262 5.15 -16.26 -11.36
CA SER A 262 6.27 -16.94 -11.77
CA SER A 262 6.41 -16.98 -11.67
C SER A 262 7.39 -16.22 -11.02
C SER A 262 7.61 -16.41 -10.89
N ASN A 263 8.54 -16.89 -11.00
N ASN A 263 8.73 -17.16 -10.85
CA ASN A 263 9.73 -16.52 -10.21
CA ASN A 263 9.96 -16.68 -10.18
C ASN A 263 9.48 -16.26 -8.73
C ASN A 263 9.72 -16.46 -8.68
N ILE A 264 8.79 -17.23 -8.11
CA ILE A 264 8.57 -17.25 -6.68
C ILE A 264 9.44 -18.36 -6.09
N PRO A 265 10.40 -18.00 -5.19
CA PRO A 265 11.29 -18.99 -4.59
C PRO A 265 10.53 -19.92 -3.67
N PHE A 266 10.98 -21.17 -3.55
CA PHE A 266 10.31 -22.12 -2.66
C PHE A 266 10.25 -21.54 -1.24
N GLY A 267 9.09 -21.65 -0.59
CA GLY A 267 8.94 -21.14 0.78
C GLY A 267 8.24 -19.78 0.85
N THR A 268 8.08 -19.15 -0.31
CA THR A 268 7.33 -17.90 -0.41
C THR A 268 5.93 -18.17 -0.99
N VAL A 269 4.92 -17.50 -0.43
CA VAL A 269 3.55 -17.69 -0.91
C VAL A 269 3.40 -17.24 -2.36
N ASN A 270 2.57 -17.97 -3.12
CA ASN A 270 2.26 -17.61 -4.48
C ASN A 270 0.81 -17.16 -4.45
N LEU A 271 0.60 -15.90 -4.03
CA LEU A 271 -0.73 -15.37 -3.79
C LEU A 271 -0.76 -13.92 -4.27
N LEU A 272 -1.73 -13.59 -5.10
CA LEU A 272 -1.84 -12.26 -5.69
C LEU A 272 -3.19 -11.67 -5.31
N ALA A 273 -3.16 -10.44 -4.77
CA ALA A 273 -4.35 -9.78 -4.24
C ALA A 273 -5.46 -9.74 -5.30
N TYR A 274 -6.69 -10.03 -4.89
CA TYR A 274 -7.82 -10.19 -5.84
C TYR A 274 -9.12 -9.77 -5.14
N ASN A 275 -9.93 -8.96 -5.81
CA ASN A 275 -11.12 -8.42 -5.15
C ASN A 275 -12.39 -9.28 -5.26
N ASN A 276 -12.31 -10.35 -6.05
N ASN A 276 -12.31 -10.36 -6.03
CA ASN A 276 -13.41 -11.30 -6.24
CA ASN A 276 -13.43 -11.28 -6.19
C ASN A 276 -14.74 -10.72 -6.73
C ASN A 276 -14.74 -10.53 -6.49
N TYR A 277 -14.65 -9.58 -7.41
CA TYR A 277 -15.84 -8.83 -7.80
C TYR A 277 -16.63 -9.64 -8.81
N GLN A 278 -17.94 -9.73 -8.56
N GLN A 278 -17.93 -9.77 -8.57
CA GLN A 278 -18.89 -10.34 -9.49
CA GLN A 278 -18.82 -10.30 -9.60
C GLN A 278 -20.05 -9.36 -9.64
C GLN A 278 -20.04 -9.40 -9.66
N ALA A 279 -20.33 -8.92 -10.86
CA ALA A 279 -21.43 -7.98 -11.12
C ALA A 279 -22.77 -8.65 -10.82
N LYS B 1 12.46 4.57 6.98
CA LYS B 1 13.57 4.85 6.02
C LYS B 1 14.84 4.06 6.33
N LEU B 2 15.44 3.65 5.22
CA LEU B 2 16.67 2.88 5.11
C LEU B 2 16.40 2.24 3.74
N LYS B 3 15.17 2.42 3.25
CA LYS B 3 14.73 1.90 1.95
C LYS B 3 14.85 2.84 0.74
N LEU B 4 13.71 3.18 0.13
CA LEU B 4 13.72 4.03 -1.07
C LEU B 4 13.63 5.56 -0.98
N LEU B 5 13.39 6.08 -2.18
CA LEU B 5 13.25 7.44 -2.66
C LEU B 5 14.54 8.09 -3.07
N VAL B 6 14.69 7.94 -4.37
CA VAL B 6 15.80 8.32 -5.21
C VAL B 6 15.20 9.00 -6.47
N VAL B 7 14.70 8.18 -7.41
CA VAL B 7 14.05 8.63 -8.65
C VAL B 7 14.92 8.68 -9.92
N ILE B 8 15.83 7.73 -10.03
CA ILE B 8 16.69 7.53 -11.20
C ILE B 8 16.95 6.09 -10.87
N ARG B 9 16.11 5.21 -11.42
CA ARG B 9 16.05 3.78 -11.02
C ARG B 9 17.11 2.76 -11.34
N LEU B 10 16.82 1.70 -10.56
CA LEU B 10 17.58 0.54 -10.22
C LEU B 10 17.29 -0.83 -10.86
N LYS B 11 17.00 -0.88 -12.16
CA LYS B 11 16.80 -2.18 -12.78
C LYS B 11 17.74 -2.27 -13.98
CA CA C . 1.99 -11.39 8.34
N NO3 D . 9.79 2.51 -3.98
O1 NO3 D . 9.70 3.50 -3.00
O2 NO3 D . 10.07 2.90 -5.30
O3 NO3 D . 9.59 1.15 -3.62
N NO3 E . 11.92 17.92 5.00
O1 NO3 E . 12.85 17.49 4.06
O2 NO3 E . 12.26 18.90 5.95
O3 NO3 E . 10.64 17.35 5.00
#